data_4ZO3
#
_entry.id   4ZO3
#
_cell.length_a   47.090
_cell.length_b   47.870
_cell.length_c   249.150
_cell.angle_alpha   90.000
_cell.angle_beta   90.000
_cell.angle_gamma   90.000
#
_symmetry.space_group_name_H-M   'P 21 21 21'
#
loop_
_entity.id
_entity.type
_entity.pdbx_description
1 polymer 'Acylhomoserine lactonase'
2 non-polymer 'ZINC ION'
3 non-polymer N-hexanoyl-L-homoserine
4 water water
#
_entity_poly.entity_id   1
_entity_poly.type   'polypeptide(L)'
_entity_poly.pdbx_seq_one_letter_code
;DDLSGFKKIKLGELELFILTDGYIHEENLISFAPRGNVAELKTILKDNFRADHYIDMAINILLVKTKEKLILMDTGMGIF
ADERTGFLLKSLQKAGFSAHDITDIFLSHAHPDHIGGVVDKQNKLVFPNASIFISKIEHDFWINASIKDFNNSALKAHPE
RLNQIIPALQNILKAIQPKLKFYDLNKTLYSHFNFQLAPGHTPGLTVTTISSGNEKLMYVADLIHSDVILFPHPDWGFSG
DTDLDIATASRKKFLKQLADTKARAFTSHLPWPGLGFTKVKAPGFEWIPESFMN
;
_entity_poly.pdbx_strand_id   A,B
#
loop_
_chem_comp.id
_chem_comp.type
_chem_comp.name
_chem_comp.formula
C6L non-polymer N-hexanoyl-L-homoserine 'C10 H19 N O4'
ZN non-polymer 'ZINC ION' 'Zn 2'
#
# COMPACT_ATOMS: atom_id res chain seq x y z
N ASP A 1 4.44 18.04 5.45
CA ASP A 1 5.81 17.63 5.16
C ASP A 1 6.27 16.52 6.11
N ASP A 2 5.34 15.72 6.58
CA ASP A 2 5.65 14.62 7.50
C ASP A 2 5.62 13.27 6.76
N LEU A 3 6.80 12.74 6.48
CA LEU A 3 6.92 11.53 5.67
C LEU A 3 7.05 10.29 6.55
N SER A 4 6.93 10.47 7.86
CA SER A 4 7.04 9.35 8.78
C SER A 4 5.77 8.51 8.76
N GLY A 5 5.91 7.24 9.09
CA GLY A 5 4.77 6.34 9.04
C GLY A 5 5.15 4.92 9.38
N PHE A 6 4.16 4.09 9.70
CA PHE A 6 4.41 2.70 10.02
C PHE A 6 3.25 1.79 9.63
N LYS A 7 3.54 0.50 9.51
CA LYS A 7 2.50 -0.50 9.33
C LYS A 7 2.82 -1.72 10.18
N LYS A 8 1.88 -2.11 11.04
CA LYS A 8 2.03 -3.31 11.86
C LYS A 8 1.53 -4.55 11.11
N ILE A 9 2.35 -5.60 11.12
CA ILE A 9 1.90 -6.91 10.64
C ILE A 9 2.27 -7.96 11.69
N LYS A 10 1.71 -9.16 11.55
CA LYS A 10 2.09 -10.29 12.39
C LYS A 10 2.77 -11.38 11.56
N LEU A 11 3.84 -11.95 12.09
CA LEU A 11 4.45 -13.12 11.48
C LEU A 11 4.43 -14.23 12.51
N GLY A 12 3.46 -15.13 12.40
CA GLY A 12 3.23 -16.09 13.48
C GLY A 12 2.94 -15.34 14.76
N GLU A 13 3.71 -15.61 15.81
CA GLU A 13 3.51 -14.97 17.10
C GLU A 13 4.26 -13.63 17.24
N LEU A 14 5.03 -13.26 16.21
CA LEU A 14 5.83 -12.04 16.26
C LEU A 14 5.05 -10.81 15.80
N GLU A 15 5.31 -9.70 16.46
CA GLU A 15 4.81 -8.42 15.99
C GLU A 15 5.89 -7.73 15.17
N LEU A 16 5.57 -7.41 13.92
CA LEU A 16 6.51 -6.70 13.04
C LEU A 16 5.96 -5.33 12.69
N PHE A 17 6.85 -4.36 12.55
CA PHE A 17 6.42 -3.02 12.18
C PHE A 17 7.27 -2.56 11.02
N ILE A 18 6.63 -2.24 9.89
CA ILE A 18 7.33 -1.61 8.79
C ILE A 18 7.41 -0.12 9.05
N LEU A 19 8.61 0.45 8.96
CA LEU A 19 8.84 1.87 9.23
C LEU A 19 9.38 2.54 7.97
N THR A 20 9.08 3.83 7.75
CA THR A 20 9.72 4.52 6.63
C THR A 20 10.71 5.58 7.10
N ASP A 21 11.84 5.68 6.38
CA ASP A 21 12.78 6.78 6.60
C ASP A 21 12.49 7.95 5.68
N GLY A 22 11.54 7.75 4.77
CA GLY A 22 11.29 8.70 3.71
C GLY A 22 11.51 8.04 2.36
N TYR A 23 12.03 8.80 1.41
CA TYR A 23 12.25 8.25 0.08
C TYR A 23 13.34 8.95 -0.70
N ILE A 24 13.78 8.30 -1.77
CA ILE A 24 14.81 8.83 -2.64
C ILE A 24 14.20 9.17 -3.99
N HIS A 25 14.37 10.41 -4.43
CA HIS A 25 13.78 10.87 -5.69
C HIS A 25 14.86 10.90 -6.76
N GLU A 26 14.87 9.89 -7.63
CA GLU A 26 15.92 9.75 -8.64
C GLU A 26 15.48 10.18 -10.04
N GLU A 27 16.08 11.25 -10.55
CA GLU A 27 15.66 11.79 -11.83
C GLU A 27 16.57 11.36 -12.98
N ASN A 28 17.73 10.79 -12.63
CA ASN A 28 18.67 10.32 -13.65
C ASN A 28 18.34 8.89 -14.06
N LEU A 29 17.46 8.73 -15.03
CA LEU A 29 17.01 7.41 -15.44
C LEU A 29 18.00 6.75 -16.40
N ILE A 30 18.86 7.55 -17.01
CA ILE A 30 19.93 7.00 -17.82
C ILE A 30 20.87 6.14 -16.97
N SER A 31 21.23 6.65 -15.80
CA SER A 31 22.18 5.95 -14.94
C SER A 31 21.52 4.96 -13.96
N PHE A 32 20.20 5.04 -13.80
CA PHE A 32 19.51 4.20 -12.80
C PHE A 32 19.84 2.73 -13.02
N ALA A 33 19.66 2.29 -14.26
CA ALA A 33 19.93 0.91 -14.67
C ALA A 33 21.03 0.92 -15.72
N PRO A 34 22.28 0.77 -15.28
CA PRO A 34 23.49 0.92 -16.10
C PRO A 34 23.54 0.05 -17.37
N ARG A 35 22.91 -1.11 -17.34
CA ARG A 35 22.92 -2.03 -18.49
C ARG A 35 21.54 -2.09 -19.14
N GLY A 36 20.71 -1.11 -18.83
CA GLY A 36 19.36 -1.05 -19.37
C GLY A 36 19.25 -0.22 -20.62
N ASN A 37 18.03 -0.14 -21.15
CA ASN A 37 17.69 0.69 -22.28
C ASN A 37 16.72 1.77 -21.79
N VAL A 38 17.17 3.03 -21.77
CA VAL A 38 16.41 4.10 -21.10
C VAL A 38 15.07 4.35 -21.79
N ALA A 39 15.04 4.17 -23.10
CA ALA A 39 13.80 4.29 -23.83
C ALA A 39 12.79 3.24 -23.37
N GLU A 40 13.22 1.98 -23.28
N GLU A 40 13.24 1.99 -23.27
CA GLU A 40 12.32 0.92 -22.85
CA GLU A 40 12.38 0.89 -22.83
C GLU A 40 11.95 1.10 -21.38
C GLU A 40 11.98 1.06 -21.38
N LEU A 41 12.91 1.52 -20.57
CA LEU A 41 12.66 1.78 -19.15
C LEU A 41 11.51 2.78 -18.97
N LYS A 42 11.59 3.90 -19.69
CA LYS A 42 10.57 4.94 -19.58
C LYS A 42 9.22 4.41 -20.06
N THR A 43 9.23 3.53 -21.04
CA THR A 43 7.99 2.97 -21.55
C THR A 43 7.37 2.02 -20.52
N ILE A 44 8.21 1.30 -19.79
CA ILE A 44 7.71 0.41 -18.76
C ILE A 44 7.05 1.22 -17.64
N LEU A 45 7.68 2.33 -17.25
CA LEU A 45 7.08 3.22 -16.24
C LEU A 45 5.72 3.75 -16.70
N LYS A 46 5.67 4.30 -17.91
CA LYS A 46 4.40 4.79 -18.47
C LYS A 46 3.34 3.70 -18.53
N ASP A 47 3.74 2.49 -18.89
CA ASP A 47 2.81 1.38 -19.01
C ASP A 47 2.23 0.96 -17.66
N ASN A 48 2.93 1.29 -16.58
CA ASN A 48 2.44 1.02 -15.24
C ASN A 48 1.88 2.27 -14.58
N PHE A 49 1.57 3.27 -15.38
CA PHE A 49 0.96 4.52 -14.93
C PHE A 49 1.82 5.26 -13.90
N ARG A 50 3.13 5.07 -14.00
CA ARG A 50 4.12 5.79 -13.20
C ARG A 50 4.64 6.98 -13.97
N ALA A 51 5.16 7.96 -13.26
CA ALA A 51 5.93 9.05 -13.88
C ALA A 51 7.07 8.46 -14.68
N ASP A 52 7.37 9.04 -15.84
CA ASP A 52 8.42 8.48 -16.67
C ASP A 52 9.69 9.33 -16.66
N HIS A 53 9.77 10.30 -15.77
CA HIS A 53 10.94 11.15 -15.74
C HIS A 53 11.65 11.05 -14.38
N TYR A 54 11.17 10.16 -13.53
CA TYR A 54 11.87 9.81 -12.29
C TYR A 54 11.41 8.47 -11.75
N ILE A 55 12.24 7.90 -10.88
CA ILE A 55 11.81 6.79 -10.05
C ILE A 55 11.95 7.18 -8.59
N ASP A 56 10.88 7.02 -7.83
CA ASP A 56 10.97 7.20 -6.38
C ASP A 56 11.29 5.89 -5.71
N MET A 57 12.36 5.85 -4.92
CA MET A 57 12.69 4.65 -4.16
C MET A 57 12.31 4.86 -2.70
N ALA A 58 11.51 3.94 -2.16
CA ALA A 58 11.14 3.98 -0.76
C ALA A 58 12.36 3.72 0.10
N ILE A 59 12.26 4.06 1.39
CA ILE A 59 13.21 3.50 2.36
C ILE A 59 12.44 2.83 3.47
N ASN A 60 12.21 1.53 3.30
CA ASN A 60 11.41 0.76 4.23
C ASN A 60 12.36 0.04 5.19
N ILE A 61 12.02 0.12 6.48
CA ILE A 61 12.83 -0.47 7.53
C ILE A 61 11.98 -1.43 8.35
N LEU A 62 12.54 -2.58 8.77
CA LEU A 62 11.76 -3.55 9.53
C LEU A 62 12.11 -3.56 11.01
N LEU A 63 11.08 -3.48 11.84
CA LEU A 63 11.20 -3.58 13.29
C LEU A 63 10.55 -4.88 13.71
N VAL A 64 11.31 -5.74 14.40
CA VAL A 64 10.79 -7.03 14.84
C VAL A 64 10.79 -7.15 16.36
N LYS A 65 9.61 -7.33 16.94
CA LYS A 65 9.50 -7.49 18.39
C LYS A 65 9.36 -8.95 18.70
N THR A 66 10.34 -9.51 19.41
CA THR A 66 10.23 -10.89 19.88
C THR A 66 9.96 -10.83 21.37
N LYS A 67 9.92 -11.99 22.01
CA LYS A 67 9.56 -12.00 23.42
C LYS A 67 10.67 -11.37 24.25
N GLU A 68 11.90 -11.41 23.73
CA GLU A 68 13.05 -10.93 24.51
C GLU A 68 13.75 -9.74 23.85
N LYS A 69 13.52 -9.55 22.56
CA LYS A 69 14.30 -8.58 21.79
C LYS A 69 13.46 -7.57 21.03
N LEU A 70 14.08 -6.44 20.67
CA LEU A 70 13.46 -5.53 19.72
C LEU A 70 14.51 -5.15 18.68
N ILE A 71 14.33 -5.67 17.47
CA ILE A 71 15.35 -5.63 16.43
C ILE A 71 15.00 -4.65 15.32
N LEU A 72 15.95 -3.79 14.98
CA LEU A 72 15.76 -2.87 13.88
C LEU A 72 16.62 -3.33 12.70
N MET A 73 16.02 -3.51 11.52
CA MET A 73 16.79 -3.93 10.37
C MET A 73 17.01 -2.73 9.46
N ASP A 74 18.24 -2.24 9.48
CA ASP A 74 18.71 -1.01 8.83
C ASP A 74 18.12 0.24 9.51
N THR A 75 18.72 1.39 9.23
CA THR A 75 18.46 2.58 10.03
C THR A 75 18.27 3.85 9.22
N GLY A 76 18.16 3.72 7.90
CA GLY A 76 17.88 4.88 7.07
C GLY A 76 19.06 5.80 6.89
N MET A 77 18.79 7.00 6.35
CA MET A 77 19.83 7.94 5.96
C MET A 77 20.55 8.61 7.12
N GLY A 78 19.84 8.79 8.22
CA GLY A 78 20.41 9.37 9.44
C GLY A 78 21.22 10.63 9.16
N ILE A 79 22.53 10.59 9.43
CA ILE A 79 23.35 11.80 9.26
C ILE A 79 23.49 12.22 7.81
N PHE A 80 23.14 11.33 6.88
CA PHE A 80 23.17 11.67 5.46
C PHE A 80 21.85 12.23 4.94
N ALA A 81 20.85 12.36 5.82
CA ALA A 81 19.49 12.70 5.38
C ALA A 81 19.41 14.04 4.66
N ASP A 82 18.52 14.12 3.67
CA ASP A 82 18.10 15.41 3.12
C ASP A 82 16.66 15.65 3.56
N GLU A 83 15.96 16.56 2.90
CA GLU A 83 14.60 16.93 3.33
C GLU A 83 13.59 15.80 3.19
N ARG A 84 13.93 14.79 2.39
CA ARG A 84 13.01 13.71 2.07
C ARG A 84 13.30 12.45 2.89
N THR A 85 14.34 12.51 3.71
CA THR A 85 14.75 11.31 4.44
C THR A 85 15.12 11.64 5.87
N GLY A 86 15.50 10.63 6.63
CA GLY A 86 15.84 10.83 8.04
C GLY A 86 14.62 10.78 8.94
N PHE A 87 13.53 10.21 8.45
CA PHE A 87 12.29 10.16 9.24
C PHE A 87 12.14 8.90 10.12
N LEU A 88 13.16 8.03 10.16
CA LEU A 88 13.04 6.77 10.92
C LEU A 88 12.55 6.95 12.36
N LEU A 89 13.15 7.87 13.11
CA LEU A 89 12.81 7.95 14.52
C LEU A 89 11.38 8.44 14.70
N LYS A 90 10.94 9.32 13.82
CA LYS A 90 9.55 9.76 13.85
C LYS A 90 8.61 8.59 13.56
N SER A 91 9.00 7.73 12.62
CA SER A 91 8.19 6.56 12.30
C SER A 91 8.19 5.57 13.46
N LEU A 92 9.36 5.37 14.07
CA LEU A 92 9.48 4.46 15.20
C LEU A 92 8.56 4.91 16.35
N GLN A 93 8.50 6.22 16.55
CA GLN A 93 7.67 6.77 17.63
C GLN A 93 6.21 6.59 17.32
N LYS A 94 5.83 6.79 16.06
CA LYS A 94 4.48 6.53 15.61
C LYS A 94 4.08 5.07 15.84
N ALA A 95 5.03 4.16 15.64
CA ALA A 95 4.78 2.74 15.87
C ALA A 95 4.66 2.39 17.37
N GLY A 96 5.07 3.33 18.23
CA GLY A 96 4.98 3.16 19.67
C GLY A 96 6.28 2.86 20.39
N PHE A 97 7.41 3.17 19.73
CA PHE A 97 8.71 2.88 20.33
C PHE A 97 9.63 4.07 20.31
N SER A 98 10.72 3.98 21.08
CA SER A 98 11.76 5.00 21.02
C SER A 98 13.13 4.35 20.87
N ALA A 99 14.14 5.15 20.54
CA ALA A 99 15.47 4.65 20.22
C ALA A 99 16.06 3.75 21.31
N HIS A 100 15.81 4.09 22.58
CA HIS A 100 16.36 3.30 23.68
C HIS A 100 15.69 1.95 23.89
N ASP A 101 14.58 1.72 23.20
CA ASP A 101 13.91 0.41 23.25
C ASP A 101 14.63 -0.63 22.38
N ILE A 102 15.41 -0.16 21.41
CA ILE A 102 16.02 -1.08 20.45
C ILE A 102 17.15 -1.90 21.09
N THR A 103 17.08 -3.23 20.99
CA THR A 103 18.13 -4.06 21.58
C THR A 103 19.22 -4.44 20.59
N ASP A 104 18.86 -4.50 19.32
CA ASP A 104 19.81 -4.95 18.29
C ASP A 104 19.50 -4.27 16.97
N ILE A 105 20.54 -3.91 16.22
CA ILE A 105 20.38 -3.42 14.86
C ILE A 105 21.04 -4.42 13.94
N PHE A 106 20.35 -4.82 12.89
CA PHE A 106 20.95 -5.69 11.86
C PHE A 106 21.18 -4.83 10.63
N LEU A 107 22.44 -4.59 10.26
CA LEU A 107 22.72 -3.83 9.06
C LEU A 107 22.80 -4.77 7.88
N SER A 108 22.00 -4.54 6.85
CA SER A 108 22.09 -5.40 5.66
C SER A 108 23.37 -5.10 4.89
N HIS A 109 23.79 -3.84 4.90
CA HIS A 109 25.04 -3.42 4.27
C HIS A 109 25.35 -2.01 4.74
N ALA A 110 26.53 -1.51 4.41
CA ALA A 110 26.92 -0.22 5.00
C ALA A 110 26.73 1.00 4.08
N HIS A 111 25.83 0.94 3.11
CA HIS A 111 25.51 2.12 2.30
C HIS A 111 24.88 3.22 3.17
N PRO A 112 25.02 4.49 2.76
CA PRO A 112 24.54 5.61 3.58
C PRO A 112 23.05 5.52 3.94
N ASP A 113 22.22 5.01 3.05
CA ASP A 113 20.79 4.96 3.34
C ASP A 113 20.39 3.79 4.24
N HIS A 114 21.37 3.04 4.75
CA HIS A 114 21.10 1.90 5.62
C HIS A 114 21.86 2.05 6.94
N ILE A 115 23.03 2.67 6.90
CA ILE A 115 23.85 2.76 8.11
C ILE A 115 23.86 4.18 8.69
N GLY A 116 23.32 5.13 7.95
CA GLY A 116 23.41 6.54 8.32
C GLY A 116 22.76 6.83 9.67
N GLY A 117 21.76 6.04 10.02
CA GLY A 117 21.01 6.29 11.25
C GLY A 117 21.61 5.78 12.54
N VAL A 118 22.77 5.11 12.51
CA VAL A 118 23.32 4.54 13.74
C VAL A 118 24.00 5.57 14.64
N VAL A 119 24.38 6.71 14.07
CA VAL A 119 25.00 7.80 14.82
C VAL A 119 24.33 9.12 14.54
N ASP A 120 24.49 10.06 15.47
CA ASP A 120 23.96 11.40 15.31
C ASP A 120 25.08 12.38 14.96
N LYS A 121 24.77 13.67 14.89
CA LYS A 121 25.76 14.64 14.44
C LYS A 121 26.83 14.91 15.51
N GLN A 122 26.61 14.43 16.72
CA GLN A 122 27.64 14.48 17.75
C GLN A 122 28.47 13.18 17.75
N ASN A 123 28.21 12.34 16.76
CA ASN A 123 28.82 11.02 16.59
C ASN A 123 28.55 10.11 17.79
N LYS A 124 27.47 10.37 18.50
CA LYS A 124 27.02 9.47 19.55
C LYS A 124 26.06 8.44 18.94
N LEU A 125 26.01 7.26 19.55
CA LEU A 125 25.08 6.21 19.13
C LEU A 125 23.64 6.66 19.31
N VAL A 126 22.84 6.50 18.28
CA VAL A 126 21.44 6.87 18.35
C VAL A 126 20.65 5.87 19.18
N PHE A 127 21.06 4.60 19.15
CA PHE A 127 20.37 3.51 19.85
C PHE A 127 21.31 2.95 20.91
N PRO A 128 21.35 3.60 22.09
CA PRO A 128 22.46 3.38 23.02
C PRO A 128 22.48 1.99 23.61
N ASN A 129 21.34 1.31 23.59
CA ASN A 129 21.25 -0.03 24.15
C ASN A 129 21.38 -1.14 23.11
N ALA A 130 21.69 -0.76 21.87
CA ALA A 130 21.66 -1.72 20.76
C ALA A 130 23.01 -2.23 20.32
N SER A 131 23.14 -3.56 20.23
CA SER A 131 24.23 -4.15 19.48
C SER A 131 24.00 -3.85 18.01
N ILE A 132 25.07 -3.70 17.25
CA ILE A 132 24.93 -3.43 15.82
C ILE A 132 25.66 -4.51 15.04
N PHE A 133 24.89 -5.32 14.31
CA PHE A 133 25.42 -6.44 13.54
C PHE A 133 25.72 -6.06 12.09
N ILE A 134 26.79 -6.60 11.54
CA ILE A 134 27.13 -6.39 10.14
C ILE A 134 27.85 -7.63 9.69
N SER A 135 27.93 -7.90 8.39
CA SER A 135 28.75 -9.03 8.01
C SER A 135 30.20 -8.59 8.05
N LYS A 136 31.07 -9.52 8.44
CA LYS A 136 32.49 -9.19 8.51
C LYS A 136 33.03 -8.83 7.12
N ILE A 137 32.56 -9.52 6.08
CA ILE A 137 32.99 -9.17 4.72
C ILE A 137 32.64 -7.72 4.39
N GLU A 138 31.43 -7.30 4.75
CA GLU A 138 30.98 -5.95 4.48
C GLU A 138 31.85 -4.93 5.23
N HIS A 139 32.09 -5.21 6.50
CA HIS A 139 32.86 -4.32 7.37
C HIS A 139 34.26 -4.14 6.79
N ASP A 140 34.93 -5.26 6.54
CA ASP A 140 36.30 -5.23 6.05
C ASP A 140 36.41 -4.64 4.64
N PHE A 141 35.40 -4.84 3.80
CA PHE A 141 35.41 -4.21 2.48
C PHE A 141 35.53 -2.70 2.60
N TRP A 142 34.69 -2.07 3.41
CA TRP A 142 34.66 -0.61 3.42
C TRP A 142 35.89 -0.05 4.12
N ILE A 143 36.39 -0.76 5.12
CA ILE A 143 37.64 -0.38 5.77
C ILE A 143 38.78 -0.27 4.76
N ASN A 144 38.82 -1.23 3.83
CA ASN A 144 39.90 -1.31 2.85
C ASN A 144 39.58 -0.68 1.50
N ALA A 145 38.37 -0.13 1.36
CA ALA A 145 37.85 0.30 0.06
C ALA A 145 38.70 1.38 -0.62
N SER A 146 38.79 1.28 -1.95
CA SER A 146 39.50 2.24 -2.78
C SER A 146 38.89 2.16 -4.17
N ILE A 147 39.30 3.06 -5.05
CA ILE A 147 38.66 3.19 -6.36
C ILE A 147 38.70 1.91 -7.18
N LYS A 148 39.82 1.18 -7.13
CA LYS A 148 39.95 -0.05 -7.91
C LYS A 148 38.84 -1.04 -7.60
N ASP A 149 38.30 -0.97 -6.38
CA ASP A 149 37.25 -1.89 -5.98
C ASP A 149 35.97 -1.66 -6.77
N PHE A 150 35.89 -0.55 -7.49
CA PHE A 150 34.66 -0.20 -8.21
C PHE A 150 34.80 -0.31 -9.72
N ASN A 151 35.83 -1.02 -10.16
CA ASN A 151 36.03 -1.29 -11.59
C ASN A 151 34.83 -1.89 -12.32
N ASN A 152 34.03 -2.67 -11.59
N ASN A 152 34.04 -2.71 -11.65
CA ASN A 152 32.86 -3.32 -12.16
CA ASN A 152 32.84 -3.26 -12.30
C ASN A 152 31.56 -2.63 -11.75
C ASN A 152 31.57 -2.63 -11.74
N SER A 153 31.68 -1.37 -11.36
CA SER A 153 30.55 -0.59 -10.88
C SER A 153 30.33 0.61 -11.77
N ALA A 154 29.07 1.03 -11.93
CA ALA A 154 28.82 2.29 -12.60
C ALA A 154 29.37 3.47 -11.78
N LEU A 155 29.62 3.24 -10.49
CA LEU A 155 30.10 4.28 -9.58
C LEU A 155 31.49 4.81 -9.91
N LYS A 156 32.26 4.04 -10.65
CA LYS A 156 33.61 4.47 -11.01
C LYS A 156 33.61 5.74 -11.87
N ALA A 157 32.51 5.98 -12.57
CA ALA A 157 32.36 7.23 -13.31
C ALA A 157 32.33 8.41 -12.36
N HIS A 158 32.12 8.16 -11.07
CA HIS A 158 31.89 9.24 -10.12
C HIS A 158 32.81 9.26 -8.90
N PRO A 159 34.12 9.50 -9.14
CA PRO A 159 35.09 9.56 -8.05
C PRO A 159 34.76 10.62 -6.99
N GLU A 160 34.13 11.70 -7.43
CA GLU A 160 33.77 12.80 -6.52
C GLU A 160 32.89 12.27 -5.37
N ARG A 161 31.93 11.41 -5.68
CA ARG A 161 31.03 10.96 -4.64
C ARG A 161 31.66 9.81 -3.85
N LEU A 162 32.51 9.01 -4.49
CA LEU A 162 33.20 7.92 -3.77
C LEU A 162 34.17 8.48 -2.72
N ASN A 163 34.85 9.59 -3.01
CA ASN A 163 35.76 10.16 -2.01
C ASN A 163 35.02 10.89 -0.91
N GLN A 164 33.76 11.22 -1.13
CA GLN A 164 32.94 11.78 -0.07
C GLN A 164 32.41 10.64 0.80
N ILE A 165 31.81 9.65 0.16
CA ILE A 165 31.09 8.62 0.87
C ILE A 165 31.98 7.64 1.63
N ILE A 166 33.05 7.15 1.00
CA ILE A 166 33.86 6.10 1.63
C ILE A 166 34.45 6.52 3.01
N PRO A 167 35.07 7.71 3.10
CA PRO A 167 35.56 8.10 4.43
C PRO A 167 34.44 8.23 5.45
N ALA A 168 33.28 8.72 5.02
CA ALA A 168 32.15 8.87 5.94
C ALA A 168 31.73 7.51 6.47
N LEU A 169 31.65 6.52 5.57
CA LEU A 169 31.30 5.17 6.00
C LEU A 169 32.33 4.57 6.96
N GLN A 170 33.60 4.75 6.65
CA GLN A 170 34.68 4.27 7.50
C GLN A 170 34.59 4.91 8.88
N ASN A 171 34.29 6.20 8.93
CA ASN A 171 34.17 6.87 10.21
C ASN A 171 32.98 6.37 11.04
N ILE A 172 31.88 6.06 10.38
CA ILE A 172 30.74 5.48 11.08
C ILE A 172 31.11 4.11 11.61
N LEU A 173 31.79 3.31 10.79
CA LEU A 173 32.25 1.98 11.23
C LEU A 173 33.20 2.12 12.43
N LYS A 174 34.02 3.17 12.44
CA LYS A 174 34.89 3.40 13.58
C LYS A 174 34.06 3.72 14.83
N ALA A 175 33.03 4.54 14.66
CA ALA A 175 32.24 5.01 15.80
C ALA A 175 31.44 3.89 16.46
N ILE A 176 30.98 2.92 15.67
CA ILE A 176 30.12 1.89 16.24
C ILE A 176 30.89 0.68 16.73
N GLN A 177 32.22 0.74 16.65
CA GLN A 177 33.03 -0.39 17.11
C GLN A 177 32.67 -0.91 18.52
N PRO A 178 32.32 -0.02 19.48
CA PRO A 178 32.00 -0.59 20.81
C PRO A 178 30.71 -1.43 20.89
N LYS A 179 29.90 -1.39 19.85
CA LYS A 179 28.63 -2.12 19.83
C LYS A 179 28.63 -3.14 18.69
N LEU A 180 29.74 -3.18 17.96
CA LEU A 180 29.81 -3.93 16.70
C LEU A 180 29.84 -5.44 16.88
N LYS A 181 28.95 -6.12 16.17
CA LYS A 181 28.93 -7.59 16.14
CA LYS A 181 28.90 -7.60 16.14
C LYS A 181 28.96 -8.06 14.69
N PHE A 182 29.48 -9.26 14.46
CA PHE A 182 29.48 -9.84 13.11
C PHE A 182 28.50 -11.01 13.03
N TYR A 183 27.71 -11.06 11.95
CA TYR A 183 26.80 -12.21 11.79
C TYR A 183 27.53 -13.56 11.81
N ASP A 184 26.88 -14.54 12.42
CA ASP A 184 27.28 -15.94 12.31
C ASP A 184 26.35 -16.63 11.32
N LEU A 185 26.88 -17.00 10.15
CA LEU A 185 26.04 -17.51 9.08
C LEU A 185 25.59 -18.95 9.33
N ASN A 186 26.16 -19.57 10.37
CA ASN A 186 25.89 -20.97 10.67
C ASN A 186 24.81 -21.21 11.71
N LYS A 187 24.40 -20.16 12.42
CA LYS A 187 23.49 -20.35 13.56
C LYS A 187 22.26 -19.47 13.48
N THR A 188 21.19 -19.96 14.10
CA THR A 188 20.00 -19.15 14.29
C THR A 188 20.27 -18.21 15.45
N LEU A 189 19.98 -16.93 15.23
CA LEU A 189 20.16 -15.90 16.26
C LEU A 189 18.82 -15.56 16.91
N TYR A 190 18.80 -15.54 18.24
CA TYR A 190 17.63 -15.16 19.02
C TYR A 190 16.38 -15.95 18.61
N SER A 191 16.56 -17.21 18.25
CA SER A 191 15.47 -18.12 17.89
C SER A 191 14.71 -17.80 16.61
N HIS A 192 14.90 -16.62 16.02
CA HIS A 192 14.05 -16.24 14.90
C HIS A 192 14.78 -15.76 13.67
N PHE A 193 16.11 -15.63 13.73
CA PHE A 193 16.82 -14.96 12.64
C PHE A 193 17.94 -15.81 12.03
N ASN A 194 17.96 -15.89 10.70
CA ASN A 194 19.02 -16.59 9.99
C ASN A 194 19.56 -15.70 8.90
N PHE A 195 20.85 -15.80 8.64
CA PHE A 195 21.52 -14.85 7.76
C PHE A 195 22.22 -15.54 6.62
N GLN A 196 22.21 -14.91 5.46
CA GLN A 196 23.07 -15.39 4.38
C GLN A 196 23.54 -14.23 3.52
N LEU A 197 24.68 -14.41 2.87
CA LEU A 197 25.21 -13.35 2.01
C LEU A 197 24.57 -13.38 0.63
N ALA A 198 24.40 -12.18 0.06
CA ALA A 198 23.97 -12.05 -1.32
C ALA A 198 24.83 -10.99 -1.95
N PRO A 199 26.11 -11.34 -2.21
CA PRO A 199 27.09 -10.33 -2.62
C PRO A 199 26.81 -9.71 -3.97
N GLY A 200 27.42 -8.55 -4.22
CA GLY A 200 27.26 -7.88 -5.50
C GLY A 200 26.89 -6.42 -5.37
N HIS A 201 25.72 -6.14 -4.80
CA HIS A 201 25.36 -4.76 -4.50
C HIS A 201 26.46 -4.12 -3.64
N THR A 202 26.85 -4.88 -2.61
CA THR A 202 28.10 -4.66 -1.88
C THR A 202 28.64 -6.05 -1.60
N PRO A 203 29.94 -6.17 -1.28
CA PRO A 203 30.50 -7.52 -1.12
C PRO A 203 29.92 -8.34 0.02
N GLY A 204 29.39 -7.69 1.05
CA GLY A 204 28.83 -8.46 2.14
C GLY A 204 27.38 -8.12 2.44
N LEU A 205 26.63 -7.74 1.42
CA LEU A 205 25.20 -7.58 1.56
C LEU A 205 24.59 -8.84 2.16
N THR A 206 23.79 -8.63 3.20
CA THR A 206 23.27 -9.75 3.97
C THR A 206 21.75 -9.78 3.91
N VAL A 207 21.21 -10.95 3.63
CA VAL A 207 19.77 -11.19 3.53
CA VAL A 207 19.76 -11.08 3.60
C VAL A 207 19.33 -11.94 4.77
N THR A 208 18.29 -11.45 5.44
CA THR A 208 17.87 -11.99 6.72
C THR A 208 16.53 -12.68 6.61
N THR A 209 16.46 -13.92 7.06
CA THR A 209 15.17 -14.60 7.16
C THR A 209 14.66 -14.53 8.58
N ILE A 210 13.43 -14.07 8.73
CA ILE A 210 12.76 -14.05 10.03
C ILE A 210 11.77 -15.21 10.05
N SER A 211 11.82 -16.03 11.09
CA SER A 211 10.96 -17.20 11.16
CA SER A 211 10.98 -17.21 11.17
C SER A 211 10.20 -17.25 12.47
N SER A 212 8.94 -17.67 12.40
CA SER A 212 8.14 -17.91 13.59
C SER A 212 7.27 -19.12 13.29
N GLY A 213 7.55 -20.22 13.98
CA GLY A 213 6.94 -21.50 13.63
C GLY A 213 7.27 -21.84 12.18
N ASN A 214 6.24 -22.06 11.38
CA ASN A 214 6.42 -22.34 9.97
C ASN A 214 6.31 -21.10 9.08
N GLU A 215 6.09 -19.95 9.68
CA GLU A 215 5.95 -18.70 8.95
C GLU A 215 7.31 -18.05 8.74
N LYS A 216 7.60 -17.60 7.53
CA LYS A 216 8.90 -16.99 7.22
C LYS A 216 8.75 -15.70 6.45
N LEU A 217 9.68 -14.78 6.66
CA LEU A 217 9.76 -13.53 5.88
C LEU A 217 11.22 -13.28 5.56
N MET A 218 11.53 -12.99 4.29
CA MET A 218 12.92 -12.74 3.93
C MET A 218 13.14 -11.26 3.63
N TYR A 219 13.98 -10.61 4.43
CA TYR A 219 14.38 -9.24 4.14
C TYR A 219 15.54 -9.26 3.14
N VAL A 220 15.26 -8.90 1.89
CA VAL A 220 16.27 -8.97 0.82
C VAL A 220 16.95 -7.62 0.60
N ALA A 221 16.61 -6.65 1.44
CA ALA A 221 17.27 -5.34 1.45
C ALA A 221 17.42 -4.81 0.02
N ASP A 222 18.67 -4.60 -0.43
CA ASP A 222 18.93 -3.91 -1.71
C ASP A 222 19.20 -4.87 -2.86
N LEU A 223 18.61 -6.06 -2.79
CA LEU A 223 18.72 -7.01 -3.88
C LEU A 223 18.13 -6.42 -5.15
N ILE A 224 17.11 -5.57 -5.00
CA ILE A 224 16.47 -5.03 -6.17
CA ILE A 224 16.36 -5.06 -6.15
C ILE A 224 15.85 -3.66 -5.87
N HIS A 225 15.93 -2.76 -6.84
CA HIS A 225 15.61 -1.35 -6.58
C HIS A 225 14.39 -0.82 -7.33
N SER A 226 13.79 -1.65 -8.18
CA SER A 226 12.55 -1.25 -8.88
C SER A 226 11.65 -2.45 -9.11
N ASP A 227 10.37 -2.32 -8.76
CA ASP A 227 9.45 -3.43 -8.95
C ASP A 227 9.14 -3.66 -10.44
N VAL A 228 8.88 -2.59 -11.18
CA VAL A 228 8.42 -2.76 -12.54
C VAL A 228 9.55 -2.82 -13.57
N ILE A 229 10.75 -2.40 -13.19
CA ILE A 229 11.88 -2.42 -14.13
C ILE A 229 12.76 -3.64 -13.90
N LEU A 230 13.21 -3.84 -12.67
CA LEU A 230 14.31 -4.76 -12.45
C LEU A 230 13.85 -6.19 -12.12
N PHE A 231 12.56 -6.39 -11.90
CA PHE A 231 12.03 -7.76 -11.84
C PHE A 231 11.98 -8.38 -13.25
N PRO A 232 11.34 -7.71 -14.22
CA PRO A 232 11.40 -8.33 -15.55
C PRO A 232 12.79 -8.29 -16.17
N HIS A 233 13.63 -7.35 -15.74
CA HIS A 233 14.94 -7.14 -16.34
C HIS A 233 16.04 -7.11 -15.29
N PRO A 234 16.22 -8.22 -14.56
CA PRO A 234 17.22 -8.20 -13.48
C PRO A 234 18.65 -7.93 -13.97
N ASP A 235 18.93 -8.17 -15.24
CA ASP A 235 20.29 -7.97 -15.75
C ASP A 235 20.58 -6.51 -16.11
N TRP A 236 19.58 -5.65 -16.03
CA TRP A 236 19.79 -4.23 -16.30
C TRP A 236 20.61 -3.54 -15.21
N GLY A 237 20.60 -4.11 -14.01
CA GLY A 237 21.47 -3.65 -12.94
C GLY A 237 20.99 -2.38 -12.27
N PHE A 238 21.76 -1.91 -11.28
CA PHE A 238 21.40 -0.68 -10.57
C PHE A 238 22.64 0.17 -10.37
N SER A 239 22.48 1.50 -10.46
CA SER A 239 23.61 2.43 -10.37
C SER A 239 24.54 2.20 -9.16
N GLY A 240 23.97 1.82 -8.02
CA GLY A 240 24.75 1.68 -6.81
C GLY A 240 25.41 0.33 -6.58
N ASP A 241 25.19 -0.63 -7.49
CA ASP A 241 25.83 -1.93 -7.32
C ASP A 241 27.35 -1.82 -7.40
N THR A 242 28.02 -2.40 -6.41
CA THR A 242 29.48 -2.40 -6.38
C THR A 242 30.06 -3.25 -7.51
N ASP A 243 29.43 -4.39 -7.79
CA ASP A 243 29.80 -5.21 -8.94
C ASP A 243 28.54 -5.63 -9.66
N LEU A 244 28.38 -5.13 -10.88
CA LEU A 244 27.12 -5.34 -11.59
C LEU A 244 26.84 -6.82 -11.87
N ASP A 245 27.86 -7.55 -12.28
CA ASP A 245 27.67 -8.96 -12.62
C ASP A 245 27.33 -9.79 -11.41
N ILE A 246 28.09 -9.61 -10.32
CA ILE A 246 27.83 -10.37 -9.13
C ILE A 246 26.45 -9.98 -8.57
N ALA A 247 26.11 -8.70 -8.61
CA ALA A 247 24.78 -8.28 -8.11
C ALA A 247 23.65 -8.90 -8.91
N THR A 248 23.82 -8.98 -10.23
CA THR A 248 22.83 -9.61 -11.09
C THR A 248 22.66 -11.09 -10.74
N ALA A 249 23.77 -11.78 -10.45
CA ALA A 249 23.68 -13.19 -10.11
C ALA A 249 22.96 -13.42 -8.80
N SER A 250 23.27 -12.61 -7.80
CA SER A 250 22.59 -12.72 -6.50
C SER A 250 21.11 -12.41 -6.64
N ARG A 251 20.81 -11.38 -7.44
CA ARG A 251 19.44 -10.98 -7.70
C ARG A 251 18.65 -12.14 -8.31
N LYS A 252 19.18 -12.76 -9.35
CA LYS A 252 18.50 -13.89 -9.97
C LYS A 252 18.37 -15.07 -9.01
N LYS A 253 19.41 -15.34 -8.23
CA LYS A 253 19.39 -16.46 -7.29
C LYS A 253 18.26 -16.35 -6.26
N PHE A 254 18.17 -15.20 -5.62
CA PHE A 254 17.19 -15.06 -4.55
C PHE A 254 15.80 -14.82 -5.08
N LEU A 255 15.67 -14.08 -6.17
CA LEU A 255 14.33 -13.97 -6.76
C LEU A 255 13.80 -15.35 -7.22
N LYS A 256 14.68 -16.17 -7.80
CA LYS A 256 14.29 -17.50 -8.24
C LYS A 256 13.84 -18.34 -7.05
N GLN A 257 14.59 -18.24 -5.96
CA GLN A 257 14.26 -18.99 -4.76
C GLN A 257 12.91 -18.54 -4.18
N LEU A 258 12.71 -17.23 -4.09
CA LEU A 258 11.43 -16.70 -3.62
C LEU A 258 10.27 -17.19 -4.47
N ALA A 259 10.48 -17.22 -5.79
CA ALA A 259 9.45 -17.71 -6.70
C ALA A 259 9.19 -19.19 -6.49
N ASP A 260 10.26 -19.96 -6.44
CA ASP A 260 10.14 -21.42 -6.38
C ASP A 260 9.47 -21.82 -5.07
N THR A 261 9.72 -21.07 -4.01
CA THR A 261 9.20 -21.42 -2.69
C THR A 261 7.92 -20.65 -2.35
N LYS A 262 7.49 -19.80 -3.27
CA LYS A 262 6.34 -18.92 -3.06
C LYS A 262 6.43 -18.18 -1.73
N ALA A 263 7.63 -17.74 -1.38
CA ALA A 263 7.88 -17.08 -0.10
C ALA A 263 7.70 -15.58 -0.17
N ARG A 264 7.33 -14.99 0.95
CA ARG A 264 7.15 -13.56 1.01
C ARG A 264 8.48 -12.86 1.31
N ALA A 265 8.67 -11.71 0.69
CA ALA A 265 9.86 -10.89 0.86
C ALA A 265 9.50 -9.52 1.37
N PHE A 266 10.45 -8.93 2.09
CA PHE A 266 10.38 -7.52 2.49
C PHE A 266 11.55 -6.80 1.84
N THR A 267 11.31 -5.62 1.28
CA THR A 267 12.34 -4.93 0.53
C THR A 267 12.58 -3.50 1.02
N SER A 268 13.80 -3.02 0.87
CA SER A 268 14.16 -1.67 1.32
CA SER A 268 14.13 -1.69 1.35
C SER A 268 13.57 -0.58 0.46
N HIS A 269 13.55 -0.81 -0.85
CA HIS A 269 13.29 0.33 -1.76
C HIS A 269 12.08 0.19 -2.70
N LEU A 270 11.39 -0.96 -2.68
CA LEU A 270 10.17 -1.10 -3.47
C LEU A 270 9.02 -0.31 -2.81
N PRO A 271 7.97 -0.01 -3.57
CA PRO A 271 6.94 0.89 -3.00
C PRO A 271 6.34 0.36 -1.69
N TRP A 272 5.95 1.30 -0.83
CA TRP A 272 5.39 0.98 0.48
C TRP A 272 4.22 -0.02 0.47
N PRO A 273 4.22 -0.98 1.44
CA PRO A 273 5.15 -1.19 2.54
C PRO A 273 6.28 -2.20 2.22
N GLY A 274 6.56 -2.40 0.94
CA GLY A 274 7.73 -3.18 0.54
C GLY A 274 7.60 -4.69 0.67
N LEU A 275 6.37 -5.15 0.82
CA LEU A 275 6.06 -6.55 1.08
C LEU A 275 5.48 -7.19 -0.16
N GLY A 276 5.93 -8.38 -0.52
CA GLY A 276 5.29 -9.04 -1.65
C GLY A 276 5.89 -10.37 -2.05
N PHE A 277 5.35 -10.89 -3.15
CA PHE A 277 5.68 -12.22 -3.61
C PHE A 277 6.31 -12.14 -4.98
N THR A 278 6.98 -13.20 -5.38
CA THR A 278 7.73 -13.21 -6.63
C THR A 278 7.29 -14.36 -7.51
N LYS A 279 7.06 -14.07 -8.78
CA LYS A 279 6.73 -15.09 -9.76
C LYS A 279 7.80 -15.12 -10.84
N VAL A 280 8.09 -16.30 -11.38
CA VAL A 280 8.91 -16.37 -12.57
C VAL A 280 8.09 -15.90 -13.77
N LYS A 281 8.66 -15.00 -14.55
CA LYS A 281 8.12 -14.67 -15.86
C LYS A 281 9.32 -14.63 -16.79
N ALA A 282 9.72 -15.82 -17.24
CA ALA A 282 10.99 -16.03 -17.95
C ALA A 282 11.20 -15.02 -19.08
N PRO A 283 12.44 -14.52 -19.22
CA PRO A 283 13.61 -14.91 -18.43
C PRO A 283 13.79 -14.07 -17.18
N GLY A 284 12.74 -13.36 -16.79
CA GLY A 284 12.76 -12.54 -15.59
C GLY A 284 11.75 -12.95 -14.56
N PHE A 285 11.26 -11.95 -13.84
CA PHE A 285 10.36 -12.14 -12.72
C PHE A 285 9.28 -11.07 -12.71
N GLU A 286 8.30 -11.28 -11.84
CA GLU A 286 7.29 -10.30 -11.55
C GLU A 286 7.13 -10.16 -10.06
N TRP A 287 6.95 -8.93 -9.60
CA TRP A 287 6.65 -8.65 -8.19
C TRP A 287 5.15 -8.57 -8.00
N ILE A 288 4.63 -9.29 -7.02
CA ILE A 288 3.21 -9.20 -6.72
C ILE A 288 3.11 -8.60 -5.33
N PRO A 289 2.79 -7.30 -5.26
CA PRO A 289 2.74 -6.69 -3.93
C PRO A 289 1.62 -7.30 -3.09
N GLU A 290 1.89 -7.40 -1.78
CA GLU A 290 0.89 -7.88 -0.85
C GLU A 290 -0.23 -6.87 -0.75
N SER A 291 -1.45 -7.34 -0.54
CA SER A 291 -2.58 -6.44 -0.43
C SER A 291 -2.98 -6.28 1.03
N PHE A 292 -3.43 -5.08 1.37
CA PHE A 292 -3.80 -4.75 2.73
C PHE A 292 -5.11 -3.99 2.79
N MET A 293 -5.68 -3.95 3.99
CA MET A 293 -6.97 -3.30 4.22
C MET A 293 -6.77 -1.90 4.80
N ASN A 294 -5.55 -1.59 5.22
CA ASN A 294 -5.23 -0.32 5.86
C ASN A 294 -3.73 -0.06 5.90
N ASP B 1 -5.99 -4.64 17.14
CA ASP B 1 -7.44 -4.47 17.16
C ASP B 1 -7.84 -3.08 16.68
N ASP B 2 -6.92 -2.12 16.76
CA ASP B 2 -7.22 -0.76 16.29
C ASP B 2 -6.98 -0.63 14.79
N LEU B 3 -8.07 -0.72 14.02
CA LEU B 3 -7.99 -0.74 12.56
C LEU B 3 -8.10 0.65 11.91
N SER B 4 -8.13 1.72 12.69
CA SER B 4 -8.27 3.07 12.15
C SER B 4 -6.98 3.56 11.49
N GLY B 5 -7.12 4.50 10.56
CA GLY B 5 -5.97 5.01 9.83
C GLY B 5 -6.33 5.95 8.69
N PHE B 6 -5.31 6.61 8.15
CA PHE B 6 -5.54 7.54 7.05
C PHE B 6 -4.30 7.68 6.17
N LYS B 7 -4.52 8.18 4.95
CA LYS B 7 -3.44 8.55 4.07
C LYS B 7 -3.77 9.89 3.42
N LYS B 8 -2.84 10.84 3.52
CA LYS B 8 -3.04 12.15 2.90
C LYS B 8 -2.43 12.22 1.51
N ILE B 9 -3.18 12.76 0.57
CA ILE B 9 -2.68 12.99 -0.78
C ILE B 9 -3.10 14.38 -1.22
N LYS B 10 -2.45 14.90 -2.25
CA LYS B 10 -2.86 16.17 -2.83
C LYS B 10 -3.43 15.98 -4.22
N LEU B 11 -4.58 16.62 -4.47
CA LEU B 11 -5.14 16.67 -5.80
C LEU B 11 -5.26 18.13 -6.21
N GLY B 12 -4.28 18.62 -6.97
CA GLY B 12 -4.20 20.04 -7.27
C GLY B 12 -3.96 20.85 -6.00
N GLU B 13 -4.89 21.76 -5.70
CA GLU B 13 -4.83 22.57 -4.49
C GLU B 13 -5.49 21.85 -3.32
N LEU B 14 -6.27 20.83 -3.63
CA LEU B 14 -7.07 20.17 -2.61
C LEU B 14 -6.27 19.23 -1.72
N GLU B 15 -6.63 19.21 -0.45
CA GLU B 15 -6.12 18.20 0.48
C GLU B 15 -7.13 17.06 0.57
N LEU B 16 -6.67 15.84 0.30
CA LEU B 16 -7.53 14.66 0.34
C LEU B 16 -7.02 13.71 1.41
N PHE B 17 -7.94 13.12 2.16
CA PHE B 17 -7.57 12.16 3.19
C PHE B 17 -8.34 10.88 2.95
N ILE B 18 -7.63 9.79 2.66
CA ILE B 18 -8.29 8.51 2.54
C ILE B 18 -8.37 7.90 3.93
N LEU B 19 -9.58 7.56 4.35
CA LEU B 19 -9.84 7.05 5.69
C LEU B 19 -10.34 5.61 5.62
N THR B 20 -10.06 4.81 6.64
CA THR B 20 -10.64 3.46 6.66
C THR B 20 -11.67 3.30 7.77
N ASP B 21 -12.68 2.48 7.49
CA ASP B 21 -13.71 2.18 8.47
C ASP B 21 -13.48 0.80 9.05
N GLY B 22 -12.52 0.09 8.47
CA GLY B 22 -12.28 -1.29 8.84
C GLY B 22 -12.38 -2.14 7.59
N TYR B 23 -12.77 -3.40 7.72
CA TYR B 23 -12.91 -4.24 6.54
C TYR B 23 -13.95 -5.33 6.74
N ILE B 24 -14.31 -5.97 5.63
CA ILE B 24 -15.28 -7.05 5.62
C ILE B 24 -14.59 -8.39 5.27
N HIS B 25 -14.65 -9.35 6.19
CA HIS B 25 -14.03 -10.67 6.01
C HIS B 25 -15.05 -11.64 5.44
N GLU B 26 -15.01 -11.87 4.13
CA GLU B 26 -16.04 -12.67 3.49
C GLU B 26 -15.58 -14.10 3.22
N GLU B 27 -16.08 -15.04 4.03
CA GLU B 27 -15.69 -16.44 3.90
C GLU B 27 -16.48 -17.19 2.83
N ASN B 28 -17.59 -16.61 2.40
CA ASN B 28 -18.42 -17.29 1.41
C ASN B 28 -18.02 -16.91 -0.01
N LEU B 29 -17.13 -17.70 -0.61
CA LEU B 29 -16.60 -17.36 -1.93
C LEU B 29 -17.50 -17.84 -3.05
N ILE B 30 -18.30 -18.86 -2.79
CA ILE B 30 -19.22 -19.39 -3.80
C ILE B 30 -20.30 -18.36 -4.14
N SER B 31 -20.73 -17.60 -3.13
CA SER B 31 -21.77 -16.60 -3.34
C SER B 31 -21.20 -15.22 -3.66
N PHE B 32 -19.89 -15.04 -3.50
CA PHE B 32 -19.26 -13.74 -3.73
C PHE B 32 -19.49 -13.20 -5.14
N ALA B 33 -19.16 -14.00 -6.15
CA ALA B 33 -19.38 -13.65 -7.54
C ALA B 33 -20.42 -14.62 -8.09
N PRO B 34 -21.70 -14.22 -8.05
CA PRO B 34 -22.85 -15.11 -8.32
C PRO B 34 -22.78 -15.79 -9.68
N ARG B 35 -22.12 -15.17 -10.65
CA ARG B 35 -22.04 -15.70 -12.01
C ARG B 35 -20.61 -16.11 -12.35
N GLY B 36 -19.82 -16.35 -11.31
CA GLY B 36 -18.43 -16.73 -11.50
C GLY B 36 -18.23 -18.23 -11.46
N ASN B 37 -17.09 -18.65 -12.00
CA ASN B 37 -16.62 -20.02 -11.90
C ASN B 37 -15.77 -20.15 -10.63
N VAL B 38 -16.34 -20.76 -9.60
CA VAL B 38 -15.72 -20.80 -8.28
C VAL B 38 -14.33 -21.46 -8.30
N ALA B 39 -14.19 -22.51 -9.09
CA ALA B 39 -12.91 -23.19 -9.23
C ALA B 39 -11.87 -22.23 -9.79
N GLU B 40 -12.26 -21.52 -10.85
CA GLU B 40 -11.38 -20.54 -11.47
C GLU B 40 -11.12 -19.35 -10.54
N LEU B 41 -12.13 -18.96 -9.77
CA LEU B 41 -11.98 -17.84 -8.85
C LEU B 41 -10.86 -18.11 -7.86
N LYS B 42 -10.93 -19.28 -7.21
CA LYS B 42 -9.95 -19.60 -6.19
C LYS B 42 -8.57 -19.86 -6.78
N THR B 43 -8.54 -20.16 -8.09
CA THR B 43 -7.27 -20.26 -8.79
C THR B 43 -6.63 -18.88 -8.97
N ILE B 44 -7.45 -17.90 -9.36
CA ILE B 44 -6.99 -16.52 -9.47
C ILE B 44 -6.45 -16.01 -8.14
N LEU B 45 -7.15 -16.32 -7.05
CA LEU B 45 -6.69 -15.91 -5.73
C LEU B 45 -5.33 -16.51 -5.42
N LYS B 46 -5.17 -17.79 -5.71
CA LYS B 46 -3.89 -18.44 -5.47
C LYS B 46 -2.81 -17.86 -6.34
N ASP B 47 -3.14 -17.60 -7.60
CA ASP B 47 -2.16 -17.06 -8.54
C ASP B 47 -1.69 -15.68 -8.13
N ASN B 48 -2.48 -14.98 -7.33
CA ASN B 48 -2.09 -13.66 -6.85
C ASN B 48 -1.62 -13.67 -5.40
N PHE B 49 -1.35 -14.87 -4.89
CA PHE B 49 -0.81 -15.04 -3.53
C PHE B 49 -1.77 -14.42 -2.51
N ARG B 50 -3.06 -14.53 -2.80
CA ARG B 50 -4.12 -14.14 -1.86
C ARG B 50 -4.67 -15.40 -1.19
N ALA B 51 -5.28 -15.24 -0.02
CA ALA B 51 -5.98 -16.36 0.61
C ALA B 51 -7.01 -16.91 -0.38
N ASP B 52 -7.25 -18.22 -0.35
CA ASP B 52 -8.18 -18.78 -1.32
C ASP B 52 -9.45 -19.32 -0.66
N HIS B 53 -9.65 -18.99 0.62
CA HIS B 53 -10.88 -19.42 1.30
C HIS B 53 -11.68 -18.24 1.84
N TYR B 54 -11.24 -17.02 1.51
CA TYR B 54 -11.98 -15.82 1.85
C TYR B 54 -11.49 -14.65 1.02
N ILE B 55 -12.26 -13.58 1.03
CA ILE B 55 -11.88 -12.33 0.39
C ILE B 55 -12.13 -11.23 1.39
N ASP B 56 -11.08 -10.51 1.74
CA ASP B 56 -11.25 -9.32 2.57
C ASP B 56 -11.55 -8.13 1.67
N MET B 57 -12.63 -7.42 1.98
CA MET B 57 -12.98 -6.18 1.30
C MET B 57 -12.70 -4.97 2.19
N ALA B 58 -11.98 -3.99 1.67
CA ALA B 58 -11.68 -2.77 2.42
C ALA B 58 -12.93 -1.89 2.54
N ILE B 59 -12.91 -0.94 3.47
CA ILE B 59 -13.89 0.14 3.47
C ILE B 59 -13.14 1.47 3.49
N ASN B 60 -12.84 1.95 2.29
CA ASN B 60 -12.12 3.18 2.08
C ASN B 60 -13.08 4.33 1.89
N ILE B 61 -12.81 5.43 2.59
CA ILE B 61 -13.69 6.60 2.61
C ILE B 61 -12.87 7.84 2.24
N LEU B 62 -13.41 8.73 1.43
CA LEU B 62 -12.64 9.90 1.01
C LEU B 62 -13.05 11.16 1.77
N LEU B 63 -12.05 11.84 2.34
CA LEU B 63 -12.26 13.15 2.94
C LEU B 63 -11.62 14.21 2.05
N VAL B 64 -12.41 15.20 1.63
CA VAL B 64 -11.90 16.27 0.78
C VAL B 64 -11.96 17.62 1.51
N LYS B 65 -10.81 18.25 1.66
CA LYS B 65 -10.73 19.58 2.27
C LYS B 65 -10.51 20.67 1.22
N THR B 66 -11.48 21.55 1.08
CA THR B 66 -11.35 22.69 0.18
C THR B 66 -11.02 23.92 1.01
N LYS B 67 -10.95 25.09 0.36
CA LYS B 67 -10.69 26.31 1.10
C LYS B 67 -11.88 26.64 2.01
N GLU B 68 -13.06 26.19 1.58
CA GLU B 68 -14.31 26.53 2.27
C GLU B 68 -14.86 25.38 3.10
N LYS B 69 -14.81 24.18 2.55
CA LYS B 69 -15.57 23.05 3.09
C LYS B 69 -14.73 21.80 3.38
N LEU B 70 -15.35 20.90 4.13
CA LEU B 70 -14.74 19.62 4.49
C LEU B 70 -15.77 18.54 4.20
N ILE B 71 -15.54 17.78 3.14
CA ILE B 71 -16.53 16.84 2.63
C ILE B 71 -16.12 15.40 2.87
N LEU B 72 -17.04 14.63 3.45
CA LEU B 72 -16.86 13.21 3.66
C LEU B 72 -17.68 12.43 2.61
N MET B 73 -17.01 11.53 1.88
CA MET B 73 -17.71 10.72 0.89
C MET B 73 -17.95 9.31 1.43
N ASP B 74 -19.21 9.05 1.76
CA ASP B 74 -19.69 7.84 2.46
C ASP B 74 -19.20 7.78 3.91
N THR B 75 -19.79 6.88 4.70
CA THR B 75 -19.56 6.93 6.15
C THR B 75 -19.35 5.56 6.83
N GLY B 76 -19.06 4.51 6.07
CA GLY B 76 -18.81 3.22 6.66
C GLY B 76 -20.00 2.56 7.36
N MET B 77 -19.70 1.55 8.16
CA MET B 77 -20.73 0.67 8.74
C MET B 77 -21.55 1.31 9.86
N GLY B 78 -20.94 2.25 10.59
CA GLY B 78 -21.66 2.97 11.63
C GLY B 78 -22.42 2.04 12.56
N ILE B 79 -23.74 2.16 12.56
CA ILE B 79 -24.57 1.40 13.48
C ILE B 79 -24.64 -0.08 13.15
N PHE B 80 -24.17 -0.46 11.96
CA PHE B 80 -24.13 -1.86 11.59
C PHE B 80 -22.78 -2.50 11.88
N ALA B 81 -21.85 -1.71 12.41
CA ALA B 81 -20.48 -2.19 12.59
C ALA B 81 -20.38 -3.48 13.40
N ASP B 82 -19.38 -4.29 13.09
CA ASP B 82 -18.99 -5.41 13.94
C ASP B 82 -17.59 -5.10 14.47
N GLU B 83 -16.88 -6.09 14.99
CA GLU B 83 -15.59 -5.83 15.61
C GLU B 83 -14.53 -5.39 14.59
N ARG B 84 -14.79 -5.63 13.31
CA ARG B 84 -13.84 -5.24 12.26
C ARG B 84 -14.17 -3.92 11.54
N THR B 85 -15.29 -3.28 11.89
CA THR B 85 -15.68 -2.06 11.20
C THR B 85 -16.13 -0.95 12.15
N GLY B 86 -16.60 0.16 11.59
CA GLY B 86 -17.03 1.29 12.41
C GLY B 86 -15.91 2.16 12.93
N PHE B 87 -14.73 2.07 12.31
CA PHE B 87 -13.58 2.85 12.75
C PHE B 87 -13.46 4.25 12.12
N LEU B 88 -14.47 4.68 11.36
CA LEU B 88 -14.37 5.94 10.62
C LEU B 88 -14.04 7.16 11.48
N LEU B 89 -14.70 7.30 12.62
CA LEU B 89 -14.44 8.46 13.47
C LEU B 89 -13.02 8.48 14.01
N LYS B 90 -12.51 7.31 14.38
CA LYS B 90 -11.13 7.21 14.84
C LYS B 90 -10.15 7.55 13.72
N SER B 91 -10.45 7.14 12.50
CA SER B 91 -9.59 7.46 11.36
C SER B 91 -9.62 8.97 11.09
N LEU B 92 -10.82 9.54 11.13
CA LEU B 92 -11.02 10.97 11.00
C LEU B 92 -10.20 11.75 12.03
N GLN B 93 -10.26 11.29 13.27
CA GLN B 93 -9.48 11.82 14.38
C GLN B 93 -7.96 11.77 14.14
N LYS B 94 -7.46 10.65 13.65
CA LYS B 94 -6.03 10.55 13.34
C LYS B 94 -5.65 11.54 12.25
N ALA B 95 -6.56 11.74 11.30
CA ALA B 95 -6.33 12.64 10.17
C ALA B 95 -6.31 14.09 10.62
N GLY B 96 -6.89 14.35 11.79
CA GLY B 96 -6.79 15.65 12.42
C GLY B 96 -8.11 16.37 12.58
N PHE B 97 -9.22 15.65 12.43
CA PHE B 97 -10.54 16.25 12.48
C PHE B 97 -11.50 15.55 13.42
N SER B 98 -12.54 16.26 13.81
CA SER B 98 -13.62 15.67 14.57
C SER B 98 -14.86 15.63 13.69
N ALA B 99 -15.89 14.94 14.16
CA ALA B 99 -17.13 14.86 13.41
C ALA B 99 -17.79 16.24 13.26
N HIS B 100 -17.49 17.17 14.17
CA HIS B 100 -18.07 18.51 14.06
C HIS B 100 -17.42 19.35 12.96
N ASP B 101 -16.27 18.93 12.46
CA ASP B 101 -15.59 19.68 11.40
C ASP B 101 -16.21 19.46 10.02
N ILE B 102 -16.95 18.36 9.87
CA ILE B 102 -17.49 17.98 8.56
C ILE B 102 -18.63 18.91 8.14
N THR B 103 -18.50 19.54 6.99
CA THR B 103 -19.54 20.45 6.50
C THR B 103 -20.54 19.74 5.58
N ASP B 104 -20.07 18.72 4.88
CA ASP B 104 -20.90 18.00 3.91
C ASP B 104 -20.58 16.51 3.84
N ILE B 105 -21.61 15.71 3.63
CA ILE B 105 -21.46 14.29 3.35
C ILE B 105 -22.09 13.96 2.00
N PHE B 106 -21.32 13.31 1.12
CA PHE B 106 -21.84 12.81 -0.17
C PHE B 106 -22.02 11.30 -0.07
N LEU B 107 -23.26 10.84 -0.15
CA LEU B 107 -23.54 9.41 -0.13
C LEU B 107 -23.55 8.82 -1.53
N SER B 108 -22.84 7.71 -1.72
CA SER B 108 -22.80 7.07 -3.03
C SER B 108 -24.02 6.16 -3.26
N HIS B 109 -24.44 5.48 -2.20
CA HIS B 109 -25.67 4.69 -2.19
C HIS B 109 -25.99 4.36 -0.72
N ALA B 110 -27.15 3.76 -0.48
CA ALA B 110 -27.66 3.61 0.88
C ALA B 110 -27.43 2.23 1.50
N HIS B 111 -26.43 1.51 1.01
CA HIS B 111 -26.09 0.22 1.60
C HIS B 111 -25.54 0.45 3.01
N PRO B 112 -25.68 -0.55 3.89
CA PRO B 112 -25.23 -0.42 5.30
C PRO B 112 -23.78 0.05 5.46
N ASP B 113 -22.88 -0.42 4.58
CA ASP B 113 -21.46 -0.09 4.73
C ASP B 113 -21.09 1.29 4.17
N HIS B 114 -22.10 2.07 3.79
CA HIS B 114 -21.87 3.42 3.26
C HIS B 114 -22.66 4.49 4.01
N ILE B 115 -23.87 4.14 4.43
CA ILE B 115 -24.75 5.09 5.09
C ILE B 115 -24.85 4.84 6.58
N GLY B 116 -24.31 3.70 7.05
CA GLY B 116 -24.42 3.33 8.45
C GLY B 116 -23.84 4.35 9.42
N GLY B 117 -22.84 5.10 8.95
CA GLY B 117 -22.17 6.08 9.79
C GLY B 117 -22.85 7.43 10.00
N VAL B 118 -23.97 7.70 9.34
CA VAL B 118 -24.56 9.04 9.42
C VAL B 118 -25.35 9.25 10.71
N VAL B 119 -25.80 8.17 11.35
CA VAL B 119 -26.48 8.26 12.65
C VAL B 119 -25.84 7.38 13.70
N ASP B 120 -26.15 7.65 14.97
CA ASP B 120 -25.76 6.75 16.05
C ASP B 120 -26.91 5.80 16.39
N LYS B 121 -26.70 4.97 17.40
CA LYS B 121 -27.68 3.97 17.81
C LYS B 121 -28.94 4.61 18.41
N GLN B 122 -28.92 5.93 18.58
CA GLN B 122 -30.08 6.67 19.09
C GLN B 122 -30.77 7.45 17.96
N ASN B 123 -30.38 7.14 16.72
CA ASN B 123 -30.94 7.76 15.52
C ASN B 123 -30.65 9.25 15.42
N LYS B 124 -29.61 9.71 16.12
CA LYS B 124 -29.23 11.10 16.06
C LYS B 124 -28.04 11.27 15.11
N LEU B 125 -27.96 12.43 14.48
CA LEU B 125 -26.89 12.71 13.53
C LEU B 125 -25.52 12.70 14.19
N VAL B 126 -24.56 12.02 13.56
CA VAL B 126 -23.21 11.93 14.04
C VAL B 126 -22.44 13.21 13.69
N PHE B 127 -22.77 13.78 12.53
CA PHE B 127 -22.12 14.99 12.02
C PHE B 127 -23.11 16.14 12.01
N PRO B 128 -23.26 16.79 13.17
CA PRO B 128 -24.35 17.76 13.39
C PRO B 128 -24.32 18.99 12.47
N ASN B 129 -23.17 19.33 11.90
CA ASN B 129 -23.04 20.52 11.07
C ASN B 129 -23.07 20.19 9.58
N ALA B 130 -23.34 18.93 9.26
CA ALA B 130 -23.15 18.47 7.89
C ALA B 130 -24.45 18.28 7.10
N SER B 131 -24.51 18.90 5.92
CA SER B 131 -25.52 18.55 4.94
C SER B 131 -25.25 17.14 4.42
N ILE B 132 -26.30 16.41 4.08
CA ILE B 132 -26.15 15.06 3.54
C ILE B 132 -26.78 14.94 2.16
N PHE B 133 -25.95 14.63 1.18
CA PHE B 133 -26.37 14.51 -0.21
C PHE B 133 -26.55 13.05 -0.61
N ILE B 134 -27.60 12.79 -1.40
CA ILE B 134 -27.83 11.47 -1.99
C ILE B 134 -28.59 11.66 -3.30
N SER B 135 -28.50 10.70 -4.22
CA SER B 135 -29.30 10.82 -5.44
C SER B 135 -30.78 10.58 -5.07
N LYS B 136 -31.67 11.35 -5.69
CA LYS B 136 -33.09 11.17 -5.42
C LYS B 136 -33.52 9.76 -5.82
N ILE B 137 -32.91 9.23 -6.89
CA ILE B 137 -33.22 7.88 -7.33
C ILE B 137 -32.89 6.84 -6.25
N GLU B 138 -31.71 6.97 -5.64
CA GLU B 138 -31.31 6.09 -4.55
C GLU B 138 -32.30 6.20 -3.40
N HIS B 139 -32.53 7.43 -2.94
CA HIS B 139 -33.46 7.70 -1.86
C HIS B 139 -34.82 7.04 -2.10
N ASP B 140 -35.43 7.39 -3.23
CA ASP B 140 -36.77 6.93 -3.53
C ASP B 140 -36.85 5.41 -3.57
N PHE B 141 -35.81 4.77 -4.10
CA PHE B 141 -35.82 3.32 -4.24
C PHE B 141 -35.90 2.61 -2.90
N TRP B 142 -35.10 3.06 -1.94
CA TRP B 142 -35.05 2.41 -0.64
C TRP B 142 -36.31 2.70 0.18
N ILE B 143 -36.84 3.91 0.04
CA ILE B 143 -38.14 4.24 0.64
C ILE B 143 -39.23 3.27 0.14
N ASN B 144 -39.17 2.94 -1.14
CA ASN B 144 -40.23 2.18 -1.78
C ASN B 144 -39.89 0.69 -2.00
N ALA B 145 -38.73 0.28 -1.51
CA ALA B 145 -38.18 -1.06 -1.79
C ALA B 145 -39.08 -2.20 -1.35
N SER B 146 -39.21 -3.20 -2.22
CA SER B 146 -39.92 -4.44 -1.92
C SER B 146 -39.08 -5.64 -2.36
N ILE B 147 -39.49 -6.83 -1.94
CA ILE B 147 -38.76 -8.06 -2.24
C ILE B 147 -38.65 -8.31 -3.75
N LYS B 148 -39.68 -7.92 -4.48
CA LYS B 148 -39.73 -8.18 -5.92
C LYS B 148 -38.67 -7.38 -6.66
N ASP B 149 -38.20 -6.30 -6.03
CA ASP B 149 -37.18 -5.45 -6.63
C ASP B 149 -35.86 -6.18 -6.79
N PHE B 150 -35.73 -7.31 -6.11
CA PHE B 150 -34.45 -8.02 -6.05
C PHE B 150 -34.51 -9.34 -6.82
N ASN B 151 -35.48 -9.45 -7.72
CA ASN B 151 -35.62 -10.68 -8.50
C ASN B 151 -34.48 -10.93 -9.48
N ASN B 152 -33.82 -9.86 -9.96
CA ASN B 152 -32.59 -10.01 -10.74
C ASN B 152 -31.35 -9.80 -9.87
N SER B 153 -31.43 -10.24 -8.61
CA SER B 153 -30.29 -10.15 -7.69
C SER B 153 -30.01 -11.50 -7.05
N ALA B 154 -28.76 -11.75 -6.70
CA ALA B 154 -28.45 -12.93 -5.90
C ALA B 154 -29.22 -12.90 -4.57
N LEU B 155 -29.57 -11.70 -4.12
CA LEU B 155 -30.19 -11.51 -2.81
C LEU B 155 -31.60 -12.12 -2.72
N LYS B 156 -32.17 -12.49 -3.85
CA LYS B 156 -33.50 -13.11 -3.84
C LYS B 156 -33.44 -14.48 -3.14
N ALA B 157 -32.26 -15.09 -3.09
CA ALA B 157 -32.10 -16.35 -2.38
C ALA B 157 -32.35 -16.17 -0.87
N HIS B 158 -32.27 -14.93 -0.40
CA HIS B 158 -32.35 -14.70 1.03
C HIS B 158 -33.23 -13.49 1.38
N PRO B 159 -34.55 -13.67 1.23
CA PRO B 159 -35.51 -12.61 1.56
C PRO B 159 -35.46 -12.22 3.03
N GLU B 160 -35.12 -13.19 3.88
CA GLU B 160 -35.06 -12.96 5.33
C GLU B 160 -34.10 -11.82 5.64
N ARG B 161 -33.00 -11.77 4.91
CA ARG B 161 -32.02 -10.72 5.09
C ARG B 161 -32.53 -9.39 4.55
N LEU B 162 -33.16 -9.43 3.38
CA LEU B 162 -33.73 -8.21 2.81
C LEU B 162 -34.78 -7.61 3.76
N ASN B 163 -35.63 -8.47 4.30
CA ASN B 163 -36.70 -8.00 5.17
C ASN B 163 -36.17 -7.39 6.46
N GLN B 164 -34.97 -7.79 6.84
CA GLN B 164 -34.40 -7.35 8.11
C GLN B 164 -33.63 -6.03 7.93
N ILE B 165 -32.97 -5.86 6.78
CA ILE B 165 -32.11 -4.70 6.56
C ILE B 165 -32.81 -3.49 5.94
N ILE B 166 -33.77 -3.74 5.05
CA ILE B 166 -34.46 -2.66 4.36
C ILE B 166 -35.11 -1.65 5.34
N PRO B 167 -35.84 -2.13 6.37
CA PRO B 167 -36.36 -1.18 7.37
C PRO B 167 -35.28 -0.38 8.08
N ALA B 168 -34.10 -0.97 8.28
CA ALA B 168 -33.01 -0.27 8.94
C ALA B 168 -32.52 0.90 8.10
N LEU B 169 -32.39 0.66 6.80
CA LEU B 169 -31.95 1.69 5.87
C LEU B 169 -33.00 2.77 5.69
N GLN B 170 -34.26 2.37 5.67
CA GLN B 170 -35.33 3.34 5.55
C GLN B 170 -35.38 4.19 6.81
N ASN B 171 -35.10 3.57 7.95
CA ASN B 171 -35.15 4.30 9.21
C ASN B 171 -34.04 5.32 9.27
N ILE B 172 -32.89 4.97 8.67
CA ILE B 172 -31.81 5.93 8.54
C ILE B 172 -32.19 7.09 7.61
N LEU B 173 -32.80 6.78 6.47
CA LEU B 173 -33.15 7.81 5.50
C LEU B 173 -34.17 8.80 6.06
N LYS B 174 -35.10 8.29 6.87
CA LYS B 174 -36.04 9.15 7.55
C LYS B 174 -35.29 10.11 8.49
N ALA B 175 -34.30 9.58 9.20
CA ALA B 175 -33.63 10.35 10.24
C ALA B 175 -32.79 11.52 9.70
N ILE B 176 -32.33 11.43 8.45
CA ILE B 176 -31.38 12.41 7.94
C ILE B 176 -31.94 13.62 7.17
N GLN B 177 -33.22 13.63 6.82
CA GLN B 177 -33.88 14.92 6.60
C GLN B 177 -34.27 15.31 8.01
N PRO B 178 -33.78 16.45 8.53
CA PRO B 178 -33.31 17.79 8.13
C PRO B 178 -32.23 17.97 7.08
N LYS B 179 -31.15 17.21 7.15
CA LYS B 179 -29.94 17.55 6.41
C LYS B 179 -29.95 17.09 4.95
N LEU B 180 -31.01 16.38 4.57
CA LEU B 180 -31.02 15.68 3.29
C LEU B 180 -31.15 16.60 2.07
N LYS B 181 -30.23 16.45 1.13
CA LYS B 181 -30.28 17.13 -0.16
C LYS B 181 -30.13 16.12 -1.28
N PHE B 182 -30.70 16.41 -2.45
CA PHE B 182 -30.48 15.56 -3.62
C PHE B 182 -29.46 16.19 -4.57
N TYR B 183 -28.63 15.34 -5.19
CA TYR B 183 -27.41 15.78 -5.86
C TYR B 183 -27.48 16.92 -6.86
N ASP B 184 -28.38 16.77 -7.82
CA ASP B 184 -28.45 17.57 -9.05
C ASP B 184 -27.27 17.19 -9.96
N LEU B 185 -27.55 16.23 -10.84
CA LEU B 185 -26.58 15.57 -11.69
C LEU B 185 -26.08 16.44 -12.83
N ASN B 186 -26.60 17.66 -12.95
CA ASN B 186 -26.24 18.55 -14.06
C ASN B 186 -25.22 19.64 -13.71
N LYS B 187 -25.15 20.01 -12.43
CA LYS B 187 -24.28 21.12 -12.05
C LYS B 187 -23.04 20.69 -11.29
N THR B 188 -22.00 21.51 -11.37
CA THR B 188 -20.81 21.37 -10.54
C THR B 188 -21.08 21.97 -9.17
N LEU B 189 -20.76 21.22 -8.13
CA LEU B 189 -21.04 21.64 -6.76
C LEU B 189 -19.76 22.04 -6.06
N TYR B 190 -19.79 23.18 -5.36
CA TYR B 190 -18.66 23.69 -4.58
C TYR B 190 -17.37 23.81 -5.41
N SER B 191 -17.54 24.05 -6.71
CA SER B 191 -16.44 24.32 -7.64
C SER B 191 -15.55 23.10 -7.94
N HIS B 192 -15.85 21.95 -7.35
CA HIS B 192 -14.93 20.80 -7.46
C HIS B 192 -15.60 19.45 -7.72
N PHE B 193 -16.92 19.39 -7.65
CA PHE B 193 -17.57 18.10 -7.63
C PHE B 193 -18.66 17.96 -8.68
N ASN B 194 -18.55 16.90 -9.47
CA ASN B 194 -19.59 16.57 -10.44
C ASN B 194 -20.08 15.15 -10.19
N PHE B 195 -21.36 14.93 -10.49
CA PHE B 195 -22.01 13.67 -10.18
C PHE B 195 -22.62 13.02 -11.41
N GLN B 196 -22.61 11.69 -11.42
CA GLN B 196 -23.31 10.93 -12.45
C GLN B 196 -23.70 9.59 -11.87
N LEU B 197 -24.69 8.94 -12.49
CA LEU B 197 -25.15 7.65 -12.01
C LEU B 197 -24.46 6.47 -12.69
N ALA B 198 -24.31 5.38 -11.94
CA ALA B 198 -23.84 4.11 -12.46
C ALA B 198 -24.75 3.01 -11.91
N PRO B 199 -25.99 2.94 -12.40
CA PRO B 199 -26.98 2.08 -11.75
C PRO B 199 -26.74 0.58 -11.93
N GLY B 200 -27.34 -0.22 -11.04
CA GLY B 200 -27.19 -1.66 -11.10
C GLY B 200 -26.85 -2.28 -9.76
N HIS B 201 -25.74 -1.84 -9.16
CA HIS B 201 -25.43 -2.24 -7.80
C HIS B 201 -26.61 -1.79 -6.92
N THR B 202 -26.95 -0.51 -7.04
CA THR B 202 -28.24 0.03 -6.59
C THR B 202 -28.72 0.96 -7.70
N PRO B 203 -30.03 1.25 -7.74
CA PRO B 203 -30.55 2.10 -8.82
C PRO B 203 -29.97 3.52 -8.86
N GLY B 204 -29.61 4.07 -7.71
CA GLY B 204 -29.09 5.43 -7.68
C GLY B 204 -27.62 5.57 -7.32
N LEU B 205 -26.83 4.51 -7.51
CA LEU B 205 -25.39 4.54 -7.19
C LEU B 205 -24.75 5.70 -7.94
N THR B 206 -24.09 6.57 -7.19
CA THR B 206 -23.58 7.83 -7.73
C THR B 206 -22.05 7.86 -7.74
N VAL B 207 -21.51 8.15 -8.93
CA VAL B 207 -20.08 8.27 -9.14
C VAL B 207 -19.70 9.76 -9.09
N THR B 208 -18.70 10.08 -8.26
CA THR B 208 -18.33 11.47 -8.05
C THR B 208 -16.96 11.79 -8.62
N THR B 209 -16.89 12.79 -9.48
CA THR B 209 -15.60 13.24 -9.98
C THR B 209 -15.16 14.47 -9.22
N ILE B 210 -13.95 14.41 -8.69
CA ILE B 210 -13.36 15.53 -7.97
C ILE B 210 -12.35 16.19 -8.86
N SER B 211 -12.44 17.51 -8.99
CA SER B 211 -11.52 18.22 -9.86
C SER B 211 -10.90 19.42 -9.18
N SER B 212 -9.63 19.64 -9.47
CA SER B 212 -8.92 20.83 -9.04
C SER B 212 -8.05 21.25 -10.19
N GLY B 213 -8.51 22.23 -10.97
CA GLY B 213 -7.88 22.53 -12.23
C GLY B 213 -8.09 21.33 -13.13
N ASN B 214 -7.03 20.81 -13.71
CA ASN B 214 -7.19 19.61 -14.52
C ASN B 214 -6.55 18.38 -13.86
N GLU B 215 -6.37 18.41 -12.55
CA GLU B 215 -6.25 17.18 -11.79
C GLU B 215 -7.67 16.64 -11.58
N LYS B 216 -7.87 15.34 -11.87
CA LYS B 216 -9.17 14.72 -11.62
C LYS B 216 -9.03 13.37 -10.95
N LEU B 217 -9.99 13.06 -10.09
CA LEU B 217 -10.08 11.77 -9.41
C LEU B 217 -11.53 11.27 -9.45
N MET B 218 -11.73 10.01 -9.82
CA MET B 218 -13.09 9.49 -9.90
C MET B 218 -13.40 8.49 -8.79
N TYR B 219 -14.35 8.84 -7.93
CA TYR B 219 -14.79 7.92 -6.88
C TYR B 219 -15.89 7.05 -7.44
N VAL B 220 -15.59 5.77 -7.68
CA VAL B 220 -16.55 4.88 -8.31
C VAL B 220 -17.26 3.99 -7.31
N ALA B 221 -17.02 4.22 -6.01
CA ALA B 221 -17.73 3.52 -4.95
C ALA B 221 -17.82 2.02 -5.17
N ASP B 222 -19.05 1.49 -5.28
CA ASP B 222 -19.28 0.03 -5.34
C ASP B 222 -19.45 -0.52 -6.76
N LEU B 223 -18.91 0.19 -7.73
CA LEU B 223 -18.86 -0.30 -9.11
C LEU B 223 -18.23 -1.69 -9.23
N ILE B 224 -17.23 -1.97 -8.41
CA ILE B 224 -16.48 -3.21 -8.53
C ILE B 224 -15.89 -3.59 -7.17
N HIS B 225 -15.94 -4.87 -6.82
CA HIS B 225 -15.61 -5.26 -5.45
C HIS B 225 -14.35 -6.09 -5.27
N SER B 226 -13.74 -6.53 -6.36
CA SER B 226 -12.48 -7.27 -6.30
C SER B 226 -11.53 -6.80 -7.39
N ASP B 227 -10.27 -6.54 -7.03
CA ASP B 227 -9.28 -6.11 -8.03
C ASP B 227 -8.87 -7.26 -8.93
N VAL B 228 -8.61 -8.42 -8.36
CA VAL B 228 -8.06 -9.52 -9.16
C VAL B 228 -9.12 -10.44 -9.78
N ILE B 229 -10.36 -10.37 -9.30
CA ILE B 229 -11.44 -11.22 -9.81
C ILE B 229 -12.34 -10.52 -10.84
N LEU B 230 -12.82 -9.34 -10.48
CA LEU B 230 -13.89 -8.73 -11.27
C LEU B 230 -13.39 -7.79 -12.36
N PHE B 231 -12.10 -7.45 -12.34
CA PHE B 231 -11.55 -6.70 -13.45
C PHE B 231 -11.35 -7.62 -14.68
N PRO B 232 -10.72 -8.81 -14.50
CA PRO B 232 -10.71 -9.74 -15.63
C PRO B 232 -12.10 -10.23 -16.01
N HIS B 233 -12.95 -10.46 -15.00
CA HIS B 233 -14.26 -11.03 -15.22
C HIS B 233 -15.43 -10.18 -14.71
N PRO B 234 -15.63 -9.00 -15.31
CA PRO B 234 -16.67 -8.13 -14.75
C PRO B 234 -18.08 -8.73 -14.82
N ASP B 235 -18.28 -9.75 -15.66
CA ASP B 235 -19.59 -10.37 -15.80
C ASP B 235 -19.91 -11.34 -14.66
N TRP B 236 -18.92 -11.64 -13.82
CA TRP B 236 -19.12 -12.61 -12.76
C TRP B 236 -20.03 -12.05 -11.67
N GLY B 237 -20.13 -10.72 -11.60
CA GLY B 237 -21.04 -10.06 -10.68
C GLY B 237 -20.64 -10.03 -9.22
N PHE B 238 -21.49 -9.42 -8.40
CA PHE B 238 -21.25 -9.33 -6.96
C PHE B 238 -22.54 -9.65 -6.19
N SER B 239 -22.42 -10.38 -5.09
CA SER B 239 -23.59 -10.86 -4.35
C SER B 239 -24.52 -9.73 -3.93
N GLY B 240 -23.96 -8.54 -3.75
CA GLY B 240 -24.71 -7.38 -3.28
C GLY B 240 -25.46 -6.59 -4.33
N ASP B 241 -25.13 -6.81 -5.61
CA ASP B 241 -25.78 -6.09 -6.71
C ASP B 241 -27.29 -6.25 -6.69
N THR B 242 -28.01 -5.14 -6.82
CA THR B 242 -29.47 -5.18 -6.83
C THR B 242 -29.96 -5.77 -8.15
N ASP B 243 -29.29 -5.40 -9.23
CA ASP B 243 -29.59 -5.97 -10.54
C ASP B 243 -28.28 -6.40 -11.20
N LEU B 244 -28.07 -7.71 -11.32
CA LEU B 244 -26.80 -8.25 -11.82
C LEU B 244 -26.49 -7.77 -13.24
N ASP B 245 -27.49 -7.79 -14.12
CA ASP B 245 -27.27 -7.41 -15.50
C ASP B 245 -26.95 -5.93 -15.67
N ILE B 246 -27.71 -5.08 -14.97
CA ILE B 246 -27.48 -3.66 -15.08
C ILE B 246 -26.14 -3.29 -14.45
N ALA B 247 -25.83 -3.91 -13.31
CA ALA B 247 -24.58 -3.64 -12.60
C ALA B 247 -23.39 -4.03 -13.46
N THR B 248 -23.51 -5.15 -14.17
CA THR B 248 -22.47 -5.60 -15.08
C THR B 248 -22.30 -4.63 -16.24
N ALA B 249 -23.41 -4.18 -16.82
CA ALA B 249 -23.32 -3.18 -17.88
C ALA B 249 -22.65 -1.91 -17.38
N SER B 250 -23.00 -1.46 -16.18
CA SER B 250 -22.39 -0.26 -15.63
C SER B 250 -20.90 -0.50 -15.34
N ARG B 251 -20.60 -1.72 -14.88
CA ARG B 251 -19.22 -2.07 -14.53
C ARG B 251 -18.33 -1.96 -15.76
N LYS B 252 -18.81 -2.53 -16.86
CA LYS B 252 -18.09 -2.50 -18.14
C LYS B 252 -17.96 -1.07 -18.69
N LYS B 253 -19.05 -0.31 -18.64
CA LYS B 253 -19.02 1.07 -19.13
C LYS B 253 -17.94 1.91 -18.48
N PHE B 254 -17.89 1.92 -17.14
CA PHE B 254 -16.95 2.81 -16.46
C PHE B 254 -15.51 2.27 -16.49
N LEU B 255 -15.34 0.96 -16.51
CA LEU B 255 -13.98 0.42 -16.66
C LEU B 255 -13.44 0.77 -18.05
N LYS B 256 -14.31 0.70 -19.04
CA LYS B 256 -13.94 1.08 -20.39
C LYS B 256 -13.54 2.55 -20.45
N GLN B 257 -14.29 3.40 -19.76
CA GLN B 257 -13.99 4.84 -19.73
C GLN B 257 -12.66 5.11 -19.02
N LEU B 258 -12.46 4.48 -17.87
CA LEU B 258 -11.22 4.67 -17.13
C LEU B 258 -10.02 4.17 -17.92
N ALA B 259 -10.18 3.08 -18.66
CA ALA B 259 -9.11 2.56 -19.50
C ALA B 259 -8.84 3.50 -20.67
N ASP B 260 -9.90 4.00 -21.28
CA ASP B 260 -9.79 4.92 -22.41
C ASP B 260 -9.04 6.20 -22.06
N THR B 261 -9.41 6.78 -20.93
CA THR B 261 -8.93 8.09 -20.53
C THR B 261 -7.68 8.02 -19.65
N LYS B 262 -7.31 6.80 -19.26
CA LYS B 262 -6.18 6.55 -18.35
C LYS B 262 -6.35 7.30 -17.01
N ALA B 263 -7.61 7.45 -16.60
CA ALA B 263 -7.93 8.24 -15.42
C ALA B 263 -7.74 7.44 -14.15
N ARG B 264 -7.36 8.15 -13.09
CA ARG B 264 -7.22 7.53 -11.78
C ARG B 264 -8.58 7.40 -11.10
N ALA B 265 -8.80 6.25 -10.47
CA ALA B 265 -10.02 6.02 -9.71
C ALA B 265 -9.74 5.79 -8.23
N PHE B 266 -10.69 6.21 -7.40
CA PHE B 266 -10.71 5.85 -5.99
C PHE B 266 -11.89 4.89 -5.76
N THR B 267 -11.66 3.84 -4.97
CA THR B 267 -12.66 2.79 -4.79
C THR B 267 -12.92 2.50 -3.31
N SER B 268 -14.14 2.04 -3.00
CA SER B 268 -14.54 1.76 -1.63
C SER B 268 -13.95 0.49 -1.07
N HIS B 269 -13.83 -0.53 -1.91
CA HIS B 269 -13.62 -1.86 -1.38
C HIS B 269 -12.37 -2.57 -1.90
N LEU B 270 -11.66 -1.96 -2.85
CA LEU B 270 -10.39 -2.54 -3.31
C LEU B 270 -9.33 -2.34 -2.21
N PRO B 271 -8.21 -3.07 -2.30
CA PRO B 271 -7.20 -2.96 -1.25
C PRO B 271 -6.69 -1.54 -1.03
N TRP B 272 -6.34 -1.26 0.21
CA TRP B 272 -5.89 0.05 0.66
C TRP B 272 -4.68 0.58 -0.11
N PRO B 273 -4.69 1.85 -0.50
CA PRO B 273 -5.73 2.85 -0.20
C PRO B 273 -6.82 3.02 -1.26
N GLY B 274 -7.02 2.05 -2.15
CA GLY B 274 -8.15 2.08 -3.09
C GLY B 274 -7.95 2.95 -4.31
N LEU B 275 -6.71 3.39 -4.53
CA LEU B 275 -6.38 4.29 -5.62
C LEU B 275 -5.65 3.57 -6.75
N GLY B 276 -6.10 3.76 -7.97
CA GLY B 276 -5.41 3.13 -9.09
C GLY B 276 -5.95 3.41 -10.48
N PHE B 277 -5.39 2.67 -11.42
CA PHE B 277 -5.63 2.88 -12.84
C PHE B 277 -6.17 1.61 -13.48
N THR B 278 -6.79 1.74 -14.64
CA THR B 278 -7.45 0.63 -15.29
C THR B 278 -6.89 0.47 -16.69
N LYS B 279 -6.47 -0.74 -17.04
CA LYS B 279 -6.04 -1.01 -18.41
C LYS B 279 -6.91 -2.12 -19.02
N VAL B 280 -7.01 -2.14 -20.35
CA VAL B 280 -7.69 -3.26 -21.01
C VAL B 280 -6.74 -4.46 -21.11
N LYS B 281 -7.21 -5.62 -20.65
CA LYS B 281 -6.38 -6.81 -20.67
C LYS B 281 -7.26 -8.04 -20.75
N ALA B 282 -7.13 -8.78 -21.85
CA ALA B 282 -7.96 -9.97 -22.09
C ALA B 282 -8.07 -10.86 -20.85
N PRO B 283 -9.29 -11.37 -20.58
CA PRO B 283 -10.50 -11.15 -21.37
C PRO B 283 -11.32 -10.00 -20.82
N GLY B 284 -10.66 -9.05 -20.16
CA GLY B 284 -11.38 -7.97 -19.51
C GLY B 284 -10.49 -6.78 -19.26
N PHE B 285 -10.31 -6.46 -17.97
CA PHE B 285 -9.50 -5.33 -17.56
C PHE B 285 -8.52 -5.75 -16.47
N GLU B 286 -7.63 -4.83 -16.12
CA GLU B 286 -6.69 -5.03 -15.03
C GLU B 286 -6.62 -3.77 -14.18
N TRP B 287 -6.57 -3.97 -12.87
CA TRP B 287 -6.38 -2.87 -11.92
C TRP B 287 -4.88 -2.68 -11.65
N ILE B 288 -4.36 -1.48 -11.92
CA ILE B 288 -2.97 -1.16 -11.60
C ILE B 288 -2.97 -0.21 -10.42
N PRO B 289 -2.67 -0.71 -9.22
CA PRO B 289 -2.75 0.15 -8.04
C PRO B 289 -1.67 1.23 -8.05
N GLU B 290 -2.01 2.43 -7.60
CA GLU B 290 -1.03 3.51 -7.52
C GLU B 290 0.09 3.12 -6.54
N SER B 291 1.32 3.54 -6.83
CA SER B 291 2.45 3.22 -5.95
C SER B 291 2.74 4.38 -5.00
N PHE B 292 3.09 4.04 -3.76
CA PHE B 292 3.35 5.06 -2.74
C PHE B 292 4.68 4.83 -2.03
N MET B 293 5.17 5.88 -1.37
CA MET B 293 6.39 5.82 -0.60
C MET B 293 6.13 5.60 0.89
N ASN B 294 4.89 5.77 1.28
CA ASN B 294 4.48 5.67 2.68
C ASN B 294 2.97 5.51 2.78
ZN ZN C . 22.69 -0.07 -1.06
ZN ZN D . 19.77 1.18 -0.30
O4 C6L E . 23.85 3.36 -4.12
C5 C6L E . 23.86 3.90 -3.04
C6 C6L E . 25.16 4.36 -2.42
C7 C6L E . 26.31 4.27 -3.39
C8 C6L E . 27.52 4.90 -2.72
C9 C6L E . 28.50 3.81 -2.35
C10 C6L E . 29.87 4.42 -2.12
N1 C6L E . 22.66 4.12 -2.32
C3 C6L E . 21.34 3.76 -2.72
C4 C6L E . 21.13 2.26 -2.79
O2 C6L E . 22.09 1.45 -2.98
O1 C6L E . 19.95 1.85 -2.62
C2 C6L E . 20.98 4.41 -4.03
C1 C6L E . 20.89 5.90 -3.80
O3 C6L E . 20.98 6.54 -5.04
ZN ZN F . -22.98 -1.40 -1.88
ZN ZN G . -20.13 -1.24 -0.28
O4 C6L H . -24.27 -6.01 -0.42
C5 C6L H . -24.40 -5.23 0.50
C6 C6L H . -25.79 -4.89 0.98
C7 C6L H . -26.49 -6.12 1.50
C8 C6L H . -27.92 -6.10 0.99
C9 C6L H . -28.56 -4.76 1.28
C10 C6L H . -30.06 -4.86 1.16
N1 C6L H . -23.28 -4.61 1.13
C3 C6L H . -21.90 -4.82 0.80
C4 C6L H . -21.57 -4.15 -0.54
O2 C6L H . -20.40 -3.72 -0.72
O1 C6L H . -22.45 -4.02 -1.42
C2 C6L H . -21.51 -6.27 0.77
C1 C6L H . -21.01 -6.68 2.14
O3 C6L H . -20.86 -8.08 2.16
#